data_3BXG
#
_entry.id   3BXG
#
_cell.length_a   55.494
_cell.length_b   83.806
_cell.length_c   113.583
_cell.angle_alpha   90.00
_cell.angle_beta   90.00
_cell.angle_gamma   90.00
#
_symmetry.space_group_name_H-M   'P 21 21 21'
#
loop_
_entity.id
_entity.type
_entity.pdbx_description
1 polymer 'Central glycolytic gene regulator'
2 non-polymer 6-O-phosphono-beta-D-glucopyranose
3 water water
#
_entity_poly.entity_id   1
_entity_poly.type   'polypeptide(L)'
_entity_poly.pdbx_seq_one_letter_code
;SNAKDVLGLTLLEKTLKERLNLKDAIIVSGDSDQSPWVKKEMGRAAVACMKKRFSGKNIVAVTGGTTIEAVAEMMTPDSK
NRELLFVPARGGLGEDVKNQANTICAHMAEKASGTYRLLFVPGQLSQGAYSSIIEEPSVKEVLNTIKSASMLVHGIGEAK
TMAQRRNTPLEDLKKIDDNDAVTEAFGYYFNADGEVVHKVHSVGMQLDDIDAIPDIIAVAGGSSKAEAIEAYFKKPRNTV
LVTDEGAAKKLLRDE
;
_entity_poly.pdbx_strand_id   A,B
#
# COMPACT_ATOMS: atom_id res chain seq x y z
N GLY A 8 -36.03 -12.41 -11.83
CA GLY A 8 -34.86 -13.14 -11.21
C GLY A 8 -33.76 -13.51 -12.20
N LEU A 9 -33.24 -14.74 -12.11
CA LEU A 9 -32.21 -15.24 -13.03
C LEU A 9 -32.73 -15.49 -14.46
N THR A 10 -31.85 -15.26 -15.44
CA THR A 10 -32.12 -15.68 -16.82
C THR A 10 -32.02 -17.17 -16.82
N LEU A 11 -32.50 -17.78 -17.90
CA LEU A 11 -32.30 -19.19 -18.07
C LEU A 11 -30.82 -19.56 -18.09
N LEU A 12 -30.00 -18.69 -18.69
CA LEU A 12 -28.57 -18.95 -18.73
C LEU A 12 -27.97 -18.96 -17.31
N GLU A 13 -28.35 -17.97 -16.50
CA GLU A 13 -27.86 -17.89 -15.13
C GLU A 13 -28.37 -19.09 -14.35
N LYS A 14 -29.65 -19.43 -14.52
CA LYS A 14 -30.23 -20.56 -13.81
C LYS A 14 -29.46 -21.86 -14.17
N THR A 15 -29.19 -22.05 -15.46
CA THR A 15 -28.51 -23.25 -15.92
C THR A 15 -27.06 -23.30 -15.36
N LEU A 16 -26.37 -22.17 -15.40
CA LEU A 16 -25.03 -22.08 -14.86
C LEU A 16 -24.98 -22.42 -13.36
N LYS A 17 -25.92 -21.84 -12.59
CA LYS A 17 -25.96 -22.10 -11.16
C LYS A 17 -26.09 -23.60 -10.91
N GLU A 18 -26.97 -24.25 -11.66
CA GLU A 18 -27.23 -25.69 -11.47
C GLU A 18 -26.01 -26.52 -11.88
N ARG A 19 -25.47 -26.20 -13.06
CA ARG A 19 -24.38 -26.96 -13.63
C ARG A 19 -23.13 -26.88 -12.75
N LEU A 20 -22.86 -25.70 -12.19
CA LEU A 20 -21.67 -25.49 -11.39
C LEU A 20 -21.89 -25.52 -9.88
N ASN A 21 -23.12 -25.84 -9.45
N ASN A 21 -23.11 -25.84 -9.46
CA ASN A 21 -23.53 -25.84 -8.03
CA ASN A 21 -23.48 -25.85 -8.03
C ASN A 21 -23.18 -24.54 -7.29
C ASN A 21 -23.04 -24.54 -7.37
N LEU A 22 -23.50 -23.43 -7.94
CA LEU A 22 -23.16 -22.12 -7.39
C LEU A 22 -24.16 -21.69 -6.34
N LYS A 23 -23.72 -20.87 -5.40
CA LYS A 23 -24.63 -20.18 -4.50
CA LYS A 23 -24.67 -20.22 -4.52
C LYS A 23 -25.53 -19.25 -5.34
N ASP A 24 -24.93 -18.62 -6.35
CA ASP A 24 -25.65 -17.75 -7.28
C ASP A 24 -24.81 -17.50 -8.54
N ALA A 25 -25.44 -17.15 -9.66
CA ALA A 25 -24.71 -16.83 -10.89
C ALA A 25 -25.10 -15.42 -11.34
N ILE A 26 -24.11 -14.64 -11.74
CA ILE A 26 -24.37 -13.25 -12.19
C ILE A 26 -23.64 -13.20 -13.53
N ILE A 27 -24.38 -13.07 -14.63
CA ILE A 27 -23.71 -13.07 -15.95
C ILE A 27 -23.91 -11.73 -16.67
N VAL A 28 -22.81 -11.03 -16.92
CA VAL A 28 -22.90 -9.80 -17.70
C VAL A 28 -22.80 -10.10 -19.20
N SER A 29 -23.29 -9.16 -20.02
CA SER A 29 -23.28 -9.39 -21.48
C SER A 29 -21.89 -9.33 -22.11
N GLY A 30 -21.71 -10.09 -23.18
CA GLY A 30 -20.52 -10.01 -24.04
C GLY A 30 -19.42 -10.98 -23.60
N ASP A 31 -18.30 -10.95 -24.31
CA ASP A 31 -17.15 -11.86 -24.08
C ASP A 31 -15.93 -10.97 -23.83
N SER A 32 -15.44 -11.00 -22.59
CA SER A 32 -14.29 -10.18 -22.17
C SER A 32 -13.02 -10.45 -22.98
N ASP A 33 -12.91 -11.63 -23.58
CA ASP A 33 -11.81 -11.92 -24.51
C ASP A 33 -11.96 -11.18 -25.85
N GLN A 34 -13.20 -10.83 -26.23
CA GLN A 34 -13.47 -10.05 -27.45
C GLN A 34 -13.32 -8.53 -27.26
N SER A 35 -13.64 -7.96 -26.09
CA SER A 35 -14.64 -6.90 -25.82
C SER A 35 -14.01 -6.58 -24.45
N PRO A 36 -12.83 -5.94 -24.44
CA PRO A 36 -12.04 -5.77 -23.21
C PRO A 36 -12.82 -5.11 -22.07
N TRP A 37 -13.57 -4.05 -22.39
CA TRP A 37 -14.38 -3.32 -21.42
C TRP A 37 -15.37 -4.22 -20.67
N VAL A 38 -15.62 -5.44 -21.16
CA VAL A 38 -16.57 -6.32 -20.45
C VAL A 38 -16.01 -6.71 -19.07
N LYS A 39 -14.69 -6.73 -18.95
CA LYS A 39 -14.07 -7.02 -17.65
C LYS A 39 -14.50 -5.95 -16.63
N LYS A 40 -14.64 -4.71 -17.10
CA LYS A 40 -15.10 -3.62 -16.24
C LYS A 40 -16.55 -3.84 -15.81
N GLU A 41 -17.36 -4.37 -16.73
CA GLU A 41 -18.75 -4.68 -16.41
C GLU A 41 -18.83 -5.83 -15.41
N MET A 42 -17.96 -6.83 -15.54
CA MET A 42 -17.85 -7.84 -14.46
C MET A 42 -17.50 -7.17 -13.12
N GLY A 43 -16.54 -6.25 -13.15
CA GLY A 43 -16.13 -5.52 -11.91
C GLY A 43 -17.31 -4.80 -11.28
N ARG A 44 -18.07 -4.08 -12.10
CA ARG A 44 -19.23 -3.31 -11.64
C ARG A 44 -20.25 -4.23 -10.97
N ALA A 45 -20.55 -5.35 -11.64
CA ALA A 45 -21.51 -6.32 -11.12
C ALA A 45 -21.04 -6.97 -9.82
N ALA A 46 -19.73 -7.26 -9.75
CA ALA A 46 -19.12 -7.85 -8.55
C ALA A 46 -19.24 -6.89 -7.36
N VAL A 47 -18.93 -5.61 -7.60
CA VAL A 47 -19.04 -4.56 -6.56
C VAL A 47 -20.49 -4.51 -6.03
N ALA A 48 -21.48 -4.59 -6.90
CA ALA A 48 -22.87 -4.54 -6.45
C ALA A 48 -23.20 -5.79 -5.62
N CYS A 49 -22.67 -6.93 -6.04
CA CYS A 49 -22.86 -8.19 -5.33
CA CYS A 49 -22.86 -8.21 -5.32
C CYS A 49 -22.26 -8.16 -3.91
N MET A 50 -21.04 -7.62 -3.78
CA MET A 50 -20.38 -7.44 -2.47
C MET A 50 -21.24 -6.59 -1.54
N LYS A 51 -21.72 -5.46 -2.05
CA LYS A 51 -22.55 -4.56 -1.26
C LYS A 51 -23.83 -5.20 -0.73
N LYS A 52 -24.42 -6.11 -1.52
CA LYS A 52 -25.63 -6.83 -1.08
C LYS A 52 -25.34 -7.79 0.09
N ARG A 53 -24.08 -8.21 0.20
CA ARG A 53 -23.65 -9.23 1.15
CA ARG A 53 -23.70 -9.22 1.16
C ARG A 53 -23.05 -8.69 2.43
N PHE A 54 -22.63 -7.41 2.42
CA PHE A 54 -22.01 -6.86 3.61
C PHE A 54 -22.92 -6.92 4.81
N SER A 55 -22.32 -7.28 5.94
CA SER A 55 -22.94 -7.24 7.24
C SER A 55 -22.50 -5.89 7.82
N GLY A 56 -22.87 -5.65 9.07
CA GLY A 56 -22.47 -4.44 9.77
C GLY A 56 -20.96 -4.20 9.81
N LYS A 57 -20.20 -5.27 9.99
CA LYS A 57 -18.72 -5.22 9.98
C LYS A 57 -18.23 -6.33 9.09
N ASN A 58 -17.14 -6.05 8.39
CA ASN A 58 -16.67 -6.92 7.33
C ASN A 58 -15.19 -7.00 7.23
N ILE A 59 -14.71 -8.21 6.97
CA ILE A 59 -13.29 -8.40 6.71
C ILE A 59 -13.24 -9.06 5.36
N VAL A 60 -12.78 -8.31 4.37
CA VAL A 60 -12.84 -8.78 2.99
C VAL A 60 -11.47 -9.19 2.48
N ALA A 61 -11.32 -10.49 2.23
CA ALA A 61 -10.05 -11.00 1.69
C ALA A 61 -10.12 -11.01 0.17
N VAL A 62 -9.05 -10.56 -0.48
CA VAL A 62 -9.05 -10.43 -1.93
C VAL A 62 -7.83 -11.07 -2.56
N THR A 63 -7.97 -11.58 -3.78
CA THR A 63 -6.78 -12.00 -4.52
C THR A 63 -6.35 -10.89 -5.47
N GLY A 64 -5.20 -11.09 -6.11
CA GLY A 64 -4.82 -10.21 -7.21
C GLY A 64 -5.35 -10.61 -8.57
N GLY A 65 -4.60 -10.25 -9.62
CA GLY A 65 -5.02 -10.52 -10.99
C GLY A 65 -5.80 -9.37 -11.58
N THR A 66 -5.92 -9.32 -12.91
CA THR A 66 -6.52 -8.17 -13.57
C THR A 66 -8.03 -8.05 -13.34
N THR A 67 -8.69 -9.19 -13.11
CA THR A 67 -10.15 -9.17 -12.92
C THR A 67 -10.53 -8.57 -11.57
N ILE A 68 -9.84 -8.97 -10.52
CA ILE A 68 -10.11 -8.32 -9.24
C ILE A 68 -9.62 -6.85 -9.23
N GLU A 69 -8.59 -6.53 -10.02
CA GLU A 69 -8.19 -5.11 -10.17
C GLU A 69 -9.37 -4.32 -10.78
N ALA A 70 -10.10 -4.95 -11.69
CA ALA A 70 -11.30 -4.30 -12.28
C ALA A 70 -12.43 -4.10 -11.27
N VAL A 71 -12.57 -5.05 -10.34
CA VAL A 71 -13.48 -4.92 -9.19
C VAL A 71 -13.05 -3.68 -8.39
N ALA A 72 -11.77 -3.61 -8.07
CA ALA A 72 -11.22 -2.47 -7.32
C ALA A 72 -11.47 -1.13 -8.04
N GLU A 73 -11.25 -1.11 -9.35
CA GLU A 73 -11.44 0.09 -10.14
C GLU A 73 -12.91 0.57 -10.12
N MET A 74 -13.84 -0.40 -10.02
CA MET A 74 -15.27 -0.06 -10.04
CA MET A 74 -15.29 -0.10 -10.03
C MET A 74 -15.85 0.12 -8.62
N MET A 75 -15.02 -0.08 -7.61
CA MET A 75 -15.47 0.01 -6.24
C MET A 75 -15.82 1.47 -5.90
N THR A 76 -16.90 1.66 -5.13
CA THR A 76 -17.28 2.97 -4.63
C THR A 76 -17.61 2.82 -3.14
N PRO A 77 -17.61 3.93 -2.39
CA PRO A 77 -18.02 3.84 -0.98
C PRO A 77 -19.41 3.24 -0.79
N ASP A 78 -19.59 2.58 0.35
CA ASP A 78 -20.84 1.95 0.75
C ASP A 78 -21.83 2.99 1.25
N SER A 79 -22.95 3.12 0.54
CA SER A 79 -23.98 4.07 0.91
C SER A 79 -24.58 3.75 2.28
N LYS A 80 -24.47 2.49 2.72
CA LYS A 80 -24.93 2.12 4.05
C LYS A 80 -23.87 2.36 5.12
N ASN A 81 -22.67 2.73 4.68
CA ASN A 81 -21.55 3.08 5.55
C ASN A 81 -21.14 1.95 6.51
N ARG A 82 -21.15 0.71 6.02
CA ARG A 82 -20.80 -0.43 6.86
C ARG A 82 -19.28 -0.47 7.09
N GLU A 83 -18.82 -1.15 8.15
CA GLU A 83 -17.39 -1.17 8.46
C GLU A 83 -16.66 -2.12 7.51
N LEU A 84 -15.61 -1.63 6.83
CA LEU A 84 -14.90 -2.43 5.82
C LEU A 84 -13.40 -2.46 6.05
N LEU A 85 -12.88 -3.66 6.26
CA LEU A 85 -11.43 -3.90 6.35
C LEU A 85 -11.07 -4.91 5.26
N PHE A 86 -10.10 -4.53 4.44
CA PHE A 86 -9.62 -5.36 3.33
C PHE A 86 -8.24 -5.94 3.62
N VAL A 87 -8.03 -7.19 3.20
CA VAL A 87 -6.74 -7.86 3.38
C VAL A 87 -6.49 -8.69 2.12
N PRO A 88 -5.21 -8.96 1.79
CA PRO A 88 -4.95 -9.94 0.75
C PRO A 88 -5.30 -11.34 1.29
N ALA A 89 -5.78 -12.24 0.44
CA ALA A 89 -6.00 -13.61 0.84
C ALA A 89 -4.72 -14.38 1.19
N ARG A 90 -3.70 -14.25 0.35
CA ARG A 90 -2.43 -14.94 0.57
C ARG A 90 -1.25 -13.99 0.32
N GLY A 91 -0.07 -14.46 0.70
N GLY A 91 -0.02 -14.51 0.29
CA GLY A 91 1.17 -13.71 0.59
CA GLY A 91 1.16 -13.66 -0.02
C GLY A 91 1.60 -13.81 -0.86
C GLY A 91 1.85 -13.75 -1.39
N GLY A 92 2.89 -13.63 -1.12
N GLY A 92 1.78 -12.68 -2.17
CA GLY A 92 3.36 -13.64 -2.50
CA GLY A 92 2.47 -12.53 -3.45
C GLY A 92 3.00 -14.91 -3.24
C GLY A 92 2.08 -13.45 -4.60
N LEU A 93 2.37 -14.74 -4.41
CA LEU A 93 2.06 -15.84 -5.35
C LEU A 93 2.90 -15.82 -6.64
N GLY A 94 3.93 -14.96 -6.67
CA GLY A 94 4.81 -14.82 -7.83
C GLY A 94 4.35 -13.84 -8.90
N GLU A 95 3.29 -13.07 -8.63
CA GLU A 95 2.74 -12.07 -9.57
C GLU A 95 3.64 -10.81 -9.64
N ASP A 96 3.66 -10.13 -10.78
CA ASP A 96 4.29 -8.79 -10.85
C ASP A 96 3.46 -7.80 -10.04
N VAL A 97 4.05 -6.65 -9.71
CA VAL A 97 3.42 -5.75 -8.74
C VAL A 97 1.96 -5.40 -9.07
N LYS A 98 1.66 -5.07 -10.32
CA LYS A 98 0.29 -4.67 -10.68
C LYS A 98 -0.76 -5.79 -10.48
N ASN A 99 -0.29 -7.04 -10.39
CA ASN A 99 -1.18 -8.18 -10.22
C ASN A 99 -1.20 -8.77 -8.81
N GLN A 100 -0.40 -8.22 -7.90
CA GLN A 100 -0.27 -8.79 -6.56
C GLN A 100 -1.50 -8.47 -5.71
N ALA A 101 -1.92 -9.43 -4.88
CA ALA A 101 -3.07 -9.21 -3.99
C ALA A 101 -2.87 -7.96 -3.11
N ASN A 102 -1.65 -7.69 -2.66
CA ASN A 102 -1.39 -6.48 -1.85
C ASN A 102 -1.78 -5.18 -2.59
N THR A 103 -1.47 -5.14 -3.89
CA THR A 103 -1.77 -3.97 -4.72
C THR A 103 -3.27 -3.80 -4.90
N ILE A 104 -3.94 -4.89 -5.23
CA ILE A 104 -5.39 -4.87 -5.45
C ILE A 104 -6.09 -4.50 -4.13
N CYS A 105 -5.60 -5.07 -3.04
CA CYS A 105 -6.18 -4.83 -1.72
C CYS A 105 -6.18 -3.34 -1.37
N ALA A 106 -5.01 -2.71 -1.50
CA ALA A 106 -4.88 -1.30 -1.19
C ALA A 106 -5.79 -0.45 -2.10
N HIS A 107 -5.83 -0.79 -3.39
CA HIS A 107 -6.66 -0.05 -4.35
CA HIS A 107 -6.67 -0.07 -4.36
C HIS A 107 -8.14 -0.17 -4.00
N MET A 108 -8.59 -1.39 -3.68
CA MET A 108 -9.99 -1.59 -3.39
C MET A 108 -10.40 -0.84 -2.12
N ALA A 109 -9.54 -0.89 -1.09
CA ALA A 109 -9.84 -0.22 0.19
C ALA A 109 -9.95 1.30 0.03
N GLU A 110 -9.02 1.88 -0.74
CA GLU A 110 -9.03 3.33 -1.04
C GLU A 110 -10.31 3.71 -1.77
N LYS A 111 -10.68 2.94 -2.79
CA LYS A 111 -11.91 3.21 -3.55
C LYS A 111 -13.18 3.06 -2.71
N ALA A 112 -13.15 2.14 -1.74
CA ALA A 112 -14.28 1.89 -0.82
C ALA A 112 -14.34 2.86 0.33
N SER A 113 -13.30 3.67 0.49
CA SER A 113 -13.14 4.47 1.69
C SER A 113 -13.16 3.55 2.94
N GLY A 114 -12.48 2.41 2.82
CA GLY A 114 -12.33 1.48 3.95
C GLY A 114 -10.90 1.50 4.46
N THR A 115 -10.53 0.50 5.28
CA THR A 115 -9.17 0.39 5.80
C THR A 115 -8.57 -0.91 5.29
N TYR A 116 -7.26 -1.07 5.39
CA TYR A 116 -6.66 -2.31 4.90
C TYR A 116 -5.40 -2.66 5.67
N ARG A 117 -5.00 -3.94 5.58
CA ARG A 117 -3.71 -4.39 6.11
C ARG A 117 -3.06 -5.18 4.99
N LEU A 118 -1.73 -5.17 4.95
CA LEU A 118 -1.03 -5.90 3.88
C LEU A 118 -0.18 -7.00 4.51
N LEU A 119 0.13 -8.02 3.70
CA LEU A 119 1.07 -9.07 4.11
C LEU A 119 2.41 -8.72 3.51
N PHE A 120 3.39 -8.50 4.37
CA PHE A 120 4.69 -8.11 3.87
C PHE A 120 5.65 -9.24 4.07
N VAL A 121 5.65 -10.15 3.09
CA VAL A 121 6.51 -11.33 3.13
CA VAL A 121 6.52 -11.33 3.14
C VAL A 121 7.30 -11.49 1.83
N PRO A 122 8.54 -10.94 1.80
CA PRO A 122 9.38 -11.19 0.63
C PRO A 122 9.62 -12.71 0.49
N GLY A 123 9.97 -13.19 -0.70
CA GLY A 123 10.40 -12.35 -1.81
C GLY A 123 11.91 -12.43 -1.85
N GLN A 124 12.42 -13.63 -2.14
CA GLN A 124 13.86 -13.88 -2.34
C GLN A 124 14.68 -14.05 -1.06
N LEU A 125 14.15 -13.61 0.08
CA LEU A 125 14.88 -13.77 1.34
C LEU A 125 14.93 -15.23 1.80
N SER A 126 15.94 -15.55 2.61
CA SER A 126 16.25 -16.90 3.09
C SER A 126 15.11 -17.63 3.81
N GLN A 127 15.30 -18.94 4.00
CA GLN A 127 14.45 -19.75 4.88
C GLN A 127 14.41 -19.18 6.30
N GLY A 128 15.58 -19.07 6.93
CA GLY A 128 15.71 -18.45 8.25
C GLY A 128 15.00 -17.10 8.37
N ALA A 129 15.31 -16.19 7.45
CA ALA A 129 14.71 -14.86 7.45
C ALA A 129 13.20 -14.98 7.27
N TYR A 130 12.78 -15.85 6.35
CA TYR A 130 11.37 -16.11 6.07
C TYR A 130 10.59 -16.45 7.33
N SER A 131 10.99 -17.55 8.00
CA SER A 131 10.35 -17.98 9.24
C SER A 131 10.35 -16.88 10.31
N SER A 132 11.42 -16.09 10.37
CA SER A 132 11.49 -14.96 11.30
C SER A 132 10.43 -13.92 10.99
N ILE A 133 10.32 -13.54 9.72
CA ILE A 133 9.29 -12.57 9.29
C ILE A 133 7.88 -13.05 9.68
N ILE A 134 7.58 -14.31 9.45
CA ILE A 134 6.19 -14.79 9.64
C ILE A 134 5.76 -14.97 11.11
N GLU A 135 6.73 -15.04 12.01
CA GLU A 135 6.50 -15.15 13.46
C GLU A 135 6.30 -13.79 14.11
N GLU A 136 6.66 -12.74 13.37
CA GLU A 136 6.63 -11.37 13.86
C GLU A 136 5.20 -10.87 14.14
N PRO A 137 5.00 -10.16 15.26
CA PRO A 137 3.68 -9.75 15.74
C PRO A 137 2.75 -9.09 14.68
N SER A 138 3.27 -8.11 13.94
CA SER A 138 2.46 -7.40 12.95
C SER A 138 1.99 -8.32 11.82
N VAL A 139 2.85 -9.26 11.43
CA VAL A 139 2.49 -10.24 10.41
C VAL A 139 1.44 -11.23 10.96
N LYS A 140 1.68 -11.77 12.15
CA LYS A 140 0.71 -12.69 12.77
C LYS A 140 -0.67 -12.06 12.88
N GLU A 141 -0.68 -10.77 13.22
CA GLU A 141 -1.92 -9.99 13.30
C GLU A 141 -2.72 -10.03 11.99
N VAL A 142 -2.02 -9.83 10.88
CA VAL A 142 -2.68 -9.85 9.56
C VAL A 142 -3.17 -11.26 9.23
N LEU A 143 -2.33 -12.25 9.50
CA LEU A 143 -2.70 -13.65 9.30
C LEU A 143 -3.98 -14.00 10.06
N ASN A 144 -4.05 -13.53 11.31
CA ASN A 144 -5.25 -13.71 12.13
C ASN A 144 -6.49 -13.02 11.56
N THR A 145 -6.28 -11.83 11.00
CA THR A 145 -7.34 -11.07 10.31
C THR A 145 -7.90 -11.86 9.12
N ILE A 146 -7.00 -12.34 8.26
CA ILE A 146 -7.38 -13.18 7.10
C ILE A 146 -8.14 -14.43 7.60
N LYS A 147 -7.68 -15.04 8.67
CA LYS A 147 -8.37 -16.21 9.20
C LYS A 147 -9.82 -15.87 9.62
N SER A 148 -10.08 -14.60 9.92
CA SER A 148 -11.42 -14.15 10.30
CA SER A 148 -11.42 -14.13 10.32
C SER A 148 -12.20 -13.52 9.15
N ALA A 149 -11.76 -13.73 7.92
CA ALA A 149 -12.45 -13.11 6.77
C ALA A 149 -13.95 -13.45 6.78
N SER A 150 -14.79 -12.45 6.50
CA SER A 150 -16.23 -12.70 6.29
C SER A 150 -16.57 -12.82 4.80
N MET A 151 -15.64 -12.42 3.95
CA MET A 151 -15.86 -12.44 2.51
C MET A 151 -14.54 -12.71 1.81
N LEU A 152 -14.60 -13.43 0.70
CA LEU A 152 -13.47 -13.64 -0.16
C LEU A 152 -13.89 -13.25 -1.56
N VAL A 153 -13.07 -12.43 -2.22
CA VAL A 153 -13.32 -12.11 -3.64
C VAL A 153 -12.09 -12.54 -4.40
N HIS A 154 -12.26 -13.45 -5.36
CA HIS A 154 -11.12 -14.09 -6.01
C HIS A 154 -11.26 -14.29 -7.53
N GLY A 155 -10.14 -14.35 -8.22
CA GLY A 155 -10.16 -14.63 -9.66
C GLY A 155 -10.03 -16.13 -9.88
N ILE A 156 -10.19 -16.55 -11.14
CA ILE A 156 -9.92 -17.93 -11.56
C ILE A 156 -9.17 -17.79 -12.88
N GLY A 157 -8.14 -18.60 -13.07
CA GLY A 157 -7.38 -18.58 -14.33
C GLY A 157 -7.13 -19.94 -14.92
N GLU A 158 -6.75 -19.96 -16.21
CA GLU A 158 -6.28 -21.17 -16.84
C GLU A 158 -4.94 -21.54 -16.20
N ALA A 159 -4.71 -22.83 -15.93
CA ALA A 159 -3.48 -23.28 -15.24
C ALA A 159 -2.19 -22.87 -15.94
N LYS A 160 -2.08 -23.19 -17.22
CA LYS A 160 -0.88 -22.89 -18.00
C LYS A 160 -0.59 -21.38 -18.02
N THR A 161 -1.62 -20.60 -18.33
CA THR A 161 -1.53 -19.15 -18.41
C THR A 161 -1.01 -18.56 -17.10
N MET A 162 -1.57 -19.01 -15.99
CA MET A 162 -1.19 -18.49 -14.69
CA MET A 162 -1.23 -18.54 -14.65
C MET A 162 0.20 -18.92 -14.28
N ALA A 163 0.56 -20.17 -14.59
CA ALA A 163 1.89 -20.68 -14.27
C ALA A 163 2.96 -19.89 -15.01
N GLN A 164 2.69 -19.56 -16.27
CA GLN A 164 3.59 -18.77 -17.10
C GLN A 164 3.69 -17.29 -16.70
N ARG A 165 2.55 -16.68 -16.35
CA ARG A 165 2.52 -15.27 -15.91
C ARG A 165 3.34 -15.04 -14.63
N ARG A 166 3.32 -16.02 -13.74
CA ARG A 166 4.01 -15.96 -12.46
C ARG A 166 5.47 -16.41 -12.61
N ASN A 167 6.26 -16.31 -11.55
CA ASN A 167 7.65 -16.71 -11.68
C ASN A 167 7.82 -18.20 -11.35
N THR A 168 7.07 -19.05 -12.04
CA THR A 168 7.01 -20.44 -11.62
C THR A 168 8.29 -21.21 -11.94
N PRO A 169 8.90 -21.84 -10.91
CA PRO A 169 10.07 -22.68 -11.12
C PRO A 169 9.82 -23.76 -12.18
N LEU A 170 10.85 -24.09 -12.96
CA LEU A 170 10.70 -25.10 -14.00
C LEU A 170 10.25 -26.45 -13.45
N GLU A 171 10.77 -26.87 -12.30
CA GLU A 171 10.29 -28.14 -11.71
C GLU A 171 8.79 -28.14 -11.39
N ASP A 172 8.27 -26.98 -11.01
CA ASP A 172 6.84 -26.87 -10.71
C ASP A 172 6.02 -26.79 -12.00
N LEU A 173 6.59 -26.18 -13.03
CA LEU A 173 5.91 -26.13 -14.33
C LEU A 173 5.73 -27.55 -14.84
N LYS A 174 6.79 -28.35 -14.73
CA LYS A 174 6.73 -29.75 -15.08
C LYS A 174 5.65 -30.47 -14.27
N LYS A 175 5.56 -30.21 -12.97
CA LYS A 175 4.59 -30.89 -12.11
C LYS A 175 3.17 -30.50 -12.48
N ILE A 176 2.97 -29.20 -12.75
CA ILE A 176 1.68 -28.69 -13.20
C ILE A 176 1.24 -29.37 -14.50
N ASP A 177 2.17 -29.48 -15.45
CA ASP A 177 1.94 -30.14 -16.74
C ASP A 177 1.66 -31.64 -16.57
N ASP A 178 2.54 -32.32 -15.82
CA ASP A 178 2.45 -33.78 -15.63
C ASP A 178 1.15 -34.20 -14.95
N ASN A 179 0.63 -33.33 -14.09
CA ASN A 179 -0.59 -33.62 -13.33
C ASN A 179 -1.87 -33.11 -14.00
N ASP A 180 -1.71 -32.63 -15.23
CA ASP A 180 -2.81 -32.13 -16.04
C ASP A 180 -3.68 -31.07 -15.34
N ALA A 181 -3.03 -30.10 -14.71
CA ALA A 181 -3.74 -28.98 -14.14
C ALA A 181 -4.47 -28.25 -15.27
N VAL A 182 -5.70 -27.81 -15.01
CA VAL A 182 -6.42 -27.05 -16.03
CA VAL A 182 -6.59 -27.15 -15.97
C VAL A 182 -6.90 -25.71 -15.51
N THR A 183 -6.94 -25.53 -14.20
CA THR A 183 -7.43 -24.28 -13.63
CA THR A 183 -7.47 -24.31 -13.58
C THR A 183 -6.62 -23.90 -12.41
N GLU A 184 -6.74 -22.63 -12.01
CA GLU A 184 -6.02 -22.10 -10.88
C GLU A 184 -6.91 -21.09 -10.17
N ALA A 185 -6.82 -21.07 -8.84
CA ALA A 185 -7.41 -20.01 -8.03
C ALA A 185 -6.61 -19.91 -6.73
N PHE A 186 -6.39 -18.66 -6.34
CA PHE A 186 -5.70 -18.28 -5.11
C PHE A 186 -4.50 -19.16 -4.79
N GLY A 187 -3.73 -19.50 -5.81
CA GLY A 187 -2.43 -20.17 -5.59
C GLY A 187 -2.49 -21.68 -5.58
N TYR A 188 -3.65 -22.23 -5.95
CA TYR A 188 -3.82 -23.67 -6.05
C TYR A 188 -4.13 -23.95 -7.50
N TYR A 189 -3.51 -25.03 -8.01
CA TYR A 189 -3.76 -25.52 -9.36
C TYR A 189 -4.56 -26.83 -9.25
N PHE A 190 -5.61 -26.95 -10.07
CA PHE A 190 -6.55 -28.07 -10.02
C PHE A 190 -6.64 -28.78 -11.37
N ASN A 191 -6.94 -30.09 -11.33
CA ASN A 191 -7.19 -30.84 -12.55
C ASN A 191 -8.65 -30.71 -13.01
N ALA A 192 -9.03 -31.48 -14.03
CA ALA A 192 -10.38 -31.39 -14.61
C ALA A 192 -11.49 -31.79 -13.64
N ASP A 193 -11.14 -32.51 -12.59
CA ASP A 193 -12.15 -33.00 -11.62
C ASP A 193 -12.19 -32.07 -10.40
N GLY A 194 -11.49 -30.93 -10.52
CA GLY A 194 -11.41 -29.94 -9.47
C GLY A 194 -10.57 -30.34 -8.25
N GLU A 195 -9.71 -31.36 -8.40
CA GLU A 195 -8.82 -31.79 -7.32
C GLU A 195 -7.51 -31.02 -7.34
N VAL A 196 -7.01 -30.61 -6.18
CA VAL A 196 -5.73 -29.89 -6.11
C VAL A 196 -4.63 -30.81 -6.61
N VAL A 197 -3.83 -30.31 -7.55
CA VAL A 197 -2.63 -31.06 -7.94
C VAL A 197 -1.31 -30.37 -7.61
N HIS A 198 -1.37 -29.07 -7.35
CA HIS A 198 -0.16 -28.34 -6.98
C HIS A 198 -0.59 -27.11 -6.24
N LYS A 199 0.21 -26.71 -5.27
CA LYS A 199 -0.10 -25.53 -4.48
C LYS A 199 1.15 -24.66 -4.36
N VAL A 200 0.99 -23.37 -4.66
CA VAL A 200 2.02 -22.40 -4.36
C VAL A 200 2.10 -22.25 -2.86
N HIS A 201 3.30 -22.42 -2.33
N HIS A 201 3.31 -22.40 -2.31
CA HIS A 201 3.57 -22.20 -0.92
CA HIS A 201 3.50 -22.28 -0.87
C HIS A 201 3.40 -20.72 -0.65
C HIS A 201 3.56 -20.81 -0.44
N SER A 202 2.53 -20.39 0.31
CA SER A 202 2.35 -19.00 0.73
C SER A 202 1.50 -18.92 2.01
N VAL A 203 1.86 -18.01 2.92
CA VAL A 203 1.11 -17.86 4.16
C VAL A 203 -0.27 -17.25 3.89
N GLY A 204 -1.18 -17.35 4.85
CA GLY A 204 -2.52 -16.77 4.70
C GLY A 204 -3.54 -17.87 4.48
N MET A 205 -4.60 -17.52 3.79
CA MET A 205 -5.70 -18.41 3.52
C MET A 205 -5.26 -19.69 2.80
N GLN A 206 -5.74 -20.83 3.29
CA GLN A 206 -5.56 -22.15 2.69
CA GLN A 206 -5.53 -22.08 2.59
C GLN A 206 -6.89 -22.58 2.10
N LEU A 207 -6.86 -23.55 1.18
CA LEU A 207 -8.11 -24.03 0.58
C LEU A 207 -9.15 -24.50 1.64
N ASP A 208 -8.67 -25.21 2.65
CA ASP A 208 -9.56 -25.72 3.70
C ASP A 208 -10.29 -24.59 4.42
N ASP A 209 -9.72 -23.38 4.38
CA ASP A 209 -10.27 -22.23 5.13
C ASP A 209 -11.48 -21.61 4.44
N ILE A 210 -11.63 -21.80 3.14
CA ILE A 210 -12.72 -21.14 2.41
C ILE A 210 -14.13 -21.56 2.91
N ASP A 211 -14.27 -22.80 3.39
CA ASP A 211 -15.57 -23.28 3.84
C ASP A 211 -16.16 -22.40 4.95
N ALA A 212 -15.29 -21.85 5.80
CA ALA A 212 -15.75 -21.04 6.94
C ALA A 212 -16.11 -19.60 6.57
N ILE A 213 -15.83 -19.21 5.32
CA ILE A 213 -16.06 -17.82 4.89
C ILE A 213 -17.50 -17.73 4.37
N PRO A 214 -18.35 -16.93 5.04
CA PRO A 214 -19.77 -16.80 4.70
C PRO A 214 -20.05 -16.48 3.23
N ASP A 215 -19.28 -15.57 2.64
CA ASP A 215 -19.57 -15.09 1.29
C ASP A 215 -18.33 -15.13 0.41
N ILE A 216 -18.36 -16.02 -0.57
CA ILE A 216 -17.24 -16.14 -1.51
C ILE A 216 -17.77 -15.71 -2.86
N ILE A 217 -17.08 -14.77 -3.49
CA ILE A 217 -17.47 -14.28 -4.81
C ILE A 217 -16.29 -14.47 -5.75
N ALA A 218 -16.47 -15.36 -6.73
CA ALA A 218 -15.50 -15.52 -7.83
C ALA A 218 -15.85 -14.60 -8.98
N VAL A 219 -14.83 -13.96 -9.55
CA VAL A 219 -15.06 -13.07 -10.69
C VAL A 219 -14.09 -13.50 -11.81
N ALA A 220 -14.65 -14.04 -12.90
CA ALA A 220 -13.83 -14.60 -13.98
C ALA A 220 -14.69 -14.81 -15.20
N GLY A 221 -14.23 -14.34 -16.34
CA GLY A 221 -14.98 -14.57 -17.58
C GLY A 221 -14.10 -14.63 -18.81
N GLY A 222 -14.75 -14.62 -19.97
CA GLY A 222 -14.04 -14.68 -21.25
C GLY A 222 -14.13 -16.11 -21.74
N SER A 223 -14.29 -16.29 -23.04
CA SER A 223 -14.46 -17.65 -23.57
C SER A 223 -13.22 -18.55 -23.29
N SER A 224 -12.03 -17.96 -23.20
CA SER A 224 -10.79 -18.73 -22.99
C SER A 224 -10.78 -19.41 -21.61
N LYS A 225 -11.66 -18.97 -20.70
CA LYS A 225 -11.68 -19.50 -19.32
C LYS A 225 -12.81 -20.47 -19.08
N ALA A 226 -13.57 -20.83 -20.11
CA ALA A 226 -14.75 -21.66 -19.89
C ALA A 226 -14.35 -23.01 -19.25
N GLU A 227 -13.27 -23.61 -19.75
CA GLU A 227 -12.79 -24.90 -19.26
CA GLU A 227 -12.81 -24.91 -19.23
C GLU A 227 -12.27 -24.76 -17.82
N ALA A 228 -11.56 -23.67 -17.55
CA ALA A 228 -11.00 -23.45 -16.22
C ALA A 228 -12.10 -23.26 -15.19
N ILE A 229 -13.17 -22.56 -15.56
CA ILE A 229 -14.22 -22.27 -14.61
C ILE A 229 -14.97 -23.57 -14.32
N GLU A 230 -15.33 -24.31 -15.35
CA GLU A 230 -16.03 -25.57 -15.17
C GLU A 230 -15.28 -26.50 -14.22
N ALA A 231 -13.99 -26.65 -14.46
CA ALA A 231 -13.16 -27.56 -13.66
C ALA A 231 -13.07 -27.08 -12.21
N TYR A 232 -12.91 -25.77 -12.00
CA TYR A 232 -12.80 -25.25 -10.64
C TYR A 232 -14.06 -25.60 -9.85
N PHE A 233 -15.21 -25.45 -10.49
CA PHE A 233 -16.50 -25.72 -9.82
C PHE A 233 -16.99 -27.17 -9.87
N LYS A 234 -16.12 -28.09 -10.28
CA LYS A 234 -16.47 -29.51 -10.26
C LYS A 234 -16.65 -30.03 -8.82
N LYS A 235 -16.05 -29.32 -7.87
CA LYS A 235 -16.28 -29.60 -6.45
C LYS A 235 -17.22 -28.51 -5.91
N PRO A 236 -18.00 -28.84 -4.87
CA PRO A 236 -18.83 -27.79 -4.26
C PRO A 236 -17.99 -26.67 -3.58
N ARG A 237 -18.20 -25.42 -4.01
CA ARG A 237 -17.46 -24.32 -3.43
C ARG A 237 -18.36 -23.31 -2.71
N ASN A 238 -19.69 -23.51 -2.75
CA ASN A 238 -20.63 -22.58 -2.14
C ASN A 238 -20.37 -21.13 -2.52
N THR A 239 -20.10 -20.89 -3.80
CA THR A 239 -19.55 -19.60 -4.27
C THR A 239 -20.51 -18.90 -5.24
N VAL A 240 -20.55 -17.56 -5.18
CA VAL A 240 -21.25 -16.77 -6.19
C VAL A 240 -20.27 -16.49 -7.33
N LEU A 241 -20.66 -16.84 -8.55
CA LEU A 241 -19.81 -16.53 -9.69
C LEU A 241 -20.35 -15.36 -10.47
N VAL A 242 -19.50 -14.33 -10.60
CA VAL A 242 -19.71 -13.25 -11.54
C VAL A 242 -18.88 -13.54 -12.79
N THR A 243 -19.57 -13.66 -13.91
CA THR A 243 -18.88 -14.04 -15.17
C THR A 243 -19.54 -13.30 -16.35
N ASP A 244 -19.19 -13.69 -17.57
CA ASP A 244 -19.79 -13.07 -18.73
C ASP A 244 -20.35 -14.14 -19.64
N GLU A 245 -21.09 -13.71 -20.65
CA GLU A 245 -21.70 -14.60 -21.63
C GLU A 245 -20.65 -15.39 -22.38
N GLY A 246 -19.49 -14.77 -22.59
CA GLY A 246 -18.36 -15.43 -23.31
C GLY A 246 -18.01 -16.77 -22.67
N ALA A 247 -17.72 -16.72 -21.36
CA ALA A 247 -17.47 -17.94 -20.58
C ALA A 247 -18.70 -18.84 -20.47
N ALA A 248 -19.83 -18.26 -20.05
CA ALA A 248 -21.01 -19.05 -19.67
C ALA A 248 -21.61 -19.78 -20.84
N LYS A 249 -21.71 -19.11 -21.99
CA LYS A 249 -22.33 -19.75 -23.17
C LYS A 249 -21.39 -20.85 -23.67
N LYS A 250 -20.08 -20.61 -23.62
CA LYS A 250 -19.14 -21.64 -24.07
C LYS A 250 -19.20 -22.88 -23.16
N LEU A 251 -19.19 -22.63 -21.85
CA LEU A 251 -19.24 -23.67 -20.84
C LEU A 251 -20.50 -24.52 -20.99
N LEU A 252 -21.62 -23.82 -21.18
CA LEU A 252 -22.92 -24.46 -21.27
C LEU A 252 -23.30 -24.97 -22.66
N ARG A 253 -22.40 -24.81 -23.64
CA ARG A 253 -22.65 -25.19 -25.03
C ARG A 253 -23.91 -24.53 -25.63
N ASP A 254 -24.04 -23.23 -25.38
CA ASP A 254 -25.16 -22.47 -25.87
C ASP A 254 -24.57 -21.39 -26.77
N SER B 1 8.04 36.26 -7.34
CA SER B 1 6.79 35.84 -8.04
C SER B 1 5.74 36.91 -7.72
N ASN B 2 5.06 37.39 -8.75
CA ASN B 2 4.03 38.42 -8.54
CA ASN B 2 3.97 38.39 -8.58
C ASN B 2 2.86 37.90 -7.74
N ALA B 3 2.47 36.65 -7.94
CA ALA B 3 1.43 36.02 -7.12
C ALA B 3 1.81 36.03 -5.65
N LYS B 4 3.00 35.52 -5.35
CA LYS B 4 3.53 35.55 -3.99
C LYS B 4 3.66 36.97 -3.47
N ASP B 5 4.11 37.87 -4.34
CA ASP B 5 4.27 39.28 -3.98
C ASP B 5 2.94 39.87 -3.49
N VAL B 6 1.92 39.77 -4.35
CA VAL B 6 0.54 40.38 -4.04
CA VAL B 6 0.54 40.38 -4.00
C VAL B 6 -0.11 39.69 -2.79
N LEU B 7 0.23 38.46 -2.49
CA LEU B 7 -0.42 37.71 -1.41
C LEU B 7 0.34 37.88 -0.10
N GLY B 8 1.48 38.55 -0.16
CA GLY B 8 2.27 38.82 1.03
C GLY B 8 3.17 37.67 1.40
N LEU B 9 3.20 36.64 0.56
CA LEU B 9 4.00 35.43 0.84
C LEU B 9 5.48 35.66 0.68
N THR B 10 5.90 36.56 -0.22
CA THR B 10 7.33 36.81 -0.43
C THR B 10 7.90 37.32 0.88
N LEU B 11 7.21 38.28 1.49
CA LEU B 11 7.65 38.83 2.76
C LEU B 11 7.57 37.80 3.89
N LEU B 12 6.43 37.10 3.95
CA LEU B 12 6.27 36.05 4.96
C LEU B 12 7.38 35.01 4.87
N GLU B 13 7.76 34.59 3.65
CA GLU B 13 8.83 33.59 3.49
C GLU B 13 10.17 34.15 3.98
N LYS B 14 10.47 35.40 3.65
CA LYS B 14 11.71 36.04 4.13
C LYS B 14 11.74 36.07 5.67
N THR B 15 10.62 36.45 6.28
CA THR B 15 10.50 36.56 7.72
C THR B 15 10.64 35.17 8.36
N LEU B 16 10.01 34.16 7.77
CA LEU B 16 10.07 32.82 8.33
C LEU B 16 11.48 32.23 8.21
N LYS B 17 12.12 32.41 7.06
CA LYS B 17 13.47 31.91 6.81
C LYS B 17 14.42 32.49 7.83
N GLU B 18 14.31 33.80 8.06
CA GLU B 18 15.20 34.46 9.01
CA GLU B 18 15.18 34.49 9.02
C GLU B 18 14.95 34.01 10.45
N ARG B 19 13.68 33.93 10.83
CA ARG B 19 13.27 33.47 12.15
C ARG B 19 13.74 32.05 12.51
N LEU B 20 13.71 31.15 11.53
CA LEU B 20 14.06 29.74 11.77
C LEU B 20 15.47 29.34 11.26
N ASN B 21 16.20 30.30 10.69
CA ASN B 21 17.51 30.02 10.11
CA ASN B 21 17.49 30.06 10.04
C ASN B 21 17.44 28.90 9.03
N LEU B 22 16.45 28.98 8.15
CA LEU B 22 16.25 27.95 7.14
C LEU B 22 17.14 28.16 5.94
N LYS B 23 17.43 27.09 5.20
CA LYS B 23 18.13 27.20 3.95
C LYS B 23 17.23 28.00 3.02
N ASP B 24 15.92 27.72 3.10
CA ASP B 24 14.91 28.51 2.41
C ASP B 24 13.55 28.13 2.98
N ALA B 25 12.59 29.03 2.78
CA ALA B 25 11.21 28.82 3.22
C ALA B 25 10.28 28.99 2.01
N ILE B 26 9.36 28.05 1.85
CA ILE B 26 8.38 28.13 0.79
C ILE B 26 7.03 28.02 1.51
N ILE B 27 6.16 29.02 1.35
CA ILE B 27 4.87 29.04 2.05
C ILE B 27 3.73 29.16 1.04
N VAL B 28 2.75 28.28 1.16
CA VAL B 28 1.55 28.30 0.33
C VAL B 28 0.41 28.96 1.10
N SER B 29 -0.56 29.50 0.37
CA SER B 29 -1.66 30.21 1.02
C SER B 29 -2.53 29.27 1.85
N GLY B 30 -3.10 29.82 2.92
CA GLY B 30 -4.14 29.11 3.66
C GLY B 30 -3.67 28.24 4.80
N ASP B 31 -4.64 27.57 5.44
CA ASP B 31 -4.35 26.74 6.63
C ASP B 31 -4.82 25.32 6.37
N SER B 32 -3.86 24.39 6.25
CA SER B 32 -4.20 23.01 5.94
C SER B 32 -5.08 22.35 7.02
N ASP B 33 -5.11 22.90 8.24
CA ASP B 33 -6.01 22.37 9.28
C ASP B 33 -7.48 22.71 9.04
N GLN B 34 -7.72 23.72 8.21
CA GLN B 34 -9.07 24.22 7.87
C GLN B 34 -9.47 23.88 6.43
N SER B 35 -8.50 23.87 5.50
CA SER B 35 -8.79 23.71 4.07
C SER B 35 -7.96 22.55 3.51
N PRO B 36 -8.61 21.46 3.06
CA PRO B 36 -7.91 20.21 2.65
C PRO B 36 -6.98 20.40 1.42
N TRP B 37 -7.35 21.32 0.53
CA TRP B 37 -6.55 21.53 -0.69
C TRP B 37 -5.19 22.14 -0.41
N VAL B 38 -5.06 22.83 0.72
CA VAL B 38 -3.79 23.45 1.09
C VAL B 38 -2.69 22.40 1.25
N LYS B 39 -3.01 21.24 1.83
CA LYS B 39 -2.01 20.17 1.89
C LYS B 39 -1.52 19.73 0.50
N LYS B 40 -2.44 19.67 -0.46
CA LYS B 40 -2.05 19.35 -1.85
C LYS B 40 -1.12 20.43 -2.43
N GLU B 41 -1.42 21.68 -2.14
CA GLU B 41 -0.55 22.78 -2.56
C GLU B 41 0.84 22.71 -1.90
N MET B 42 0.93 22.34 -0.62
CA MET B 42 2.26 22.01 -0.05
C MET B 42 2.99 20.91 -0.83
N GLY B 43 2.25 19.87 -1.22
CA GLY B 43 2.80 18.74 -2.01
C GLY B 43 3.36 19.25 -3.33
N ARG B 44 2.58 20.05 -4.03
CA ARG B 44 2.99 20.61 -5.30
C ARG B 44 4.26 21.46 -5.12
N ALA B 45 4.25 22.32 -4.11
CA ALA B 45 5.42 23.18 -3.85
C ALA B 45 6.66 22.34 -3.51
N ALA B 46 6.47 21.27 -2.74
CA ALA B 46 7.60 20.36 -2.37
C ALA B 46 8.16 19.70 -3.62
N VAL B 47 7.27 19.20 -4.47
CA VAL B 47 7.73 18.61 -5.76
C VAL B 47 8.56 19.60 -6.58
N ALA B 48 8.12 20.85 -6.66
CA ALA B 48 8.88 21.87 -7.43
C ALA B 48 10.26 22.06 -6.80
N CYS B 49 10.30 22.07 -5.48
CA CYS B 49 11.55 22.18 -4.76
CA CYS B 49 11.57 22.16 -4.73
C CYS B 49 12.50 20.99 -5.02
N MET B 50 11.95 19.78 -5.04
CA MET B 50 12.73 18.56 -5.31
C MET B 50 13.34 18.66 -6.70
N LYS B 51 12.52 19.03 -7.67
CA LYS B 51 12.96 19.05 -9.06
C LYS B 51 14.06 20.07 -9.29
N LYS B 52 13.96 21.21 -8.62
CA LYS B 52 14.97 22.25 -8.68
C LYS B 52 16.32 21.72 -8.18
N ARG B 53 16.29 20.83 -7.19
CA ARG B 53 17.50 20.35 -6.51
C ARG B 53 18.07 19.01 -7.03
N PHE B 54 17.29 18.26 -7.84
CA PHE B 54 17.82 16.99 -8.39
C PHE B 54 19.12 17.25 -9.17
N SER B 55 20.02 16.27 -9.14
CA SER B 55 21.21 16.25 -9.96
CA SER B 55 21.19 16.29 -10.01
C SER B 55 21.03 15.17 -11.03
N GLY B 56 22.11 14.79 -11.68
CA GLY B 56 22.05 13.72 -12.69
C GLY B 56 21.55 12.39 -12.14
N LYS B 57 21.94 12.06 -10.92
CA LYS B 57 21.60 10.81 -10.30
C LYS B 57 21.19 11.11 -8.87
N ASN B 58 20.08 10.51 -8.46
CA ASN B 58 19.47 10.83 -7.19
C ASN B 58 19.01 9.61 -6.41
N ILE B 59 19.30 9.62 -5.11
CA ILE B 59 18.72 8.65 -4.19
C ILE B 59 17.95 9.48 -3.18
N VAL B 60 16.62 9.35 -3.24
CA VAL B 60 15.73 10.22 -2.50
C VAL B 60 15.11 9.43 -1.33
N ALA B 61 15.44 9.81 -0.10
CA ALA B 61 14.92 9.10 1.06
C ALA B 61 13.65 9.86 1.47
N VAL B 62 12.59 9.14 1.79
CA VAL B 62 11.32 9.76 2.18
C VAL B 62 10.78 9.18 3.49
N THR B 63 10.03 10.02 4.22
CA THR B 63 9.24 9.51 5.34
C THR B 63 7.80 9.25 4.91
N GLY B 64 7.02 8.67 5.83
CA GLY B 64 5.59 8.51 5.59
C GLY B 64 4.82 9.72 6.07
N GLY B 65 3.57 9.47 6.43
CA GLY B 65 2.65 10.51 6.87
C GLY B 65 1.83 11.06 5.73
N THR B 66 0.71 11.73 6.09
CA THR B 66 -0.23 12.24 5.09
C THR B 66 0.38 13.39 4.24
N THR B 67 1.32 14.13 4.82
CA THR B 67 1.90 15.27 4.09
C THR B 67 2.84 14.81 2.98
N ILE B 68 3.71 13.84 3.26
CA ILE B 68 4.57 13.33 2.22
C ILE B 68 3.76 12.50 1.21
N GLU B 69 2.67 11.88 1.64
CA GLU B 69 1.73 11.26 0.68
C GLU B 69 1.21 12.30 -0.32
N ALA B 70 0.90 13.50 0.17
CA ALA B 70 0.49 14.61 -0.71
C ALA B 70 1.57 15.03 -1.70
N VAL B 71 2.84 15.02 -1.25
CA VAL B 71 3.98 15.20 -2.15
C VAL B 71 3.95 14.13 -3.26
N ALA B 72 3.81 12.87 -2.86
CA ALA B 72 3.76 11.75 -3.81
C ALA B 72 2.60 11.95 -4.80
N GLU B 73 1.45 12.35 -4.29
CA GLU B 73 0.26 12.53 -5.14
C GLU B 73 0.49 13.60 -6.22
N MET B 74 1.25 14.63 -5.85
CA MET B 74 1.53 15.75 -6.75
C MET B 74 2.78 15.55 -7.62
N MET B 75 3.47 14.42 -7.42
CA MET B 75 4.69 14.13 -8.18
C MET B 75 4.38 13.85 -9.65
N THR B 76 5.31 14.22 -10.53
CA THR B 76 5.18 13.94 -11.96
C THR B 76 6.58 13.57 -12.48
N PRO B 77 6.63 12.91 -13.63
CA PRO B 77 7.94 12.53 -14.16
C PRO B 77 8.85 13.71 -14.39
N ASP B 78 10.15 13.44 -14.41
CA ASP B 78 11.16 14.47 -14.54
C ASP B 78 11.35 14.80 -16.03
N SER B 79 11.00 16.01 -16.43
CA SER B 79 11.18 16.42 -17.85
C SER B 79 12.63 16.33 -18.34
N LYS B 80 13.58 16.34 -17.41
CA LYS B 80 15.02 16.18 -17.72
C LYS B 80 15.45 14.71 -17.73
N ASN B 81 14.54 13.82 -17.36
CA ASN B 81 14.79 12.38 -17.31
C ASN B 81 16.05 12.01 -16.53
N ARG B 82 16.24 12.65 -15.39
CA ARG B 82 17.36 12.33 -14.51
C ARG B 82 17.05 11.04 -13.74
N GLU B 83 18.08 10.39 -13.22
CA GLU B 83 17.96 9.08 -12.58
C GLU B 83 17.42 9.24 -11.16
N LEU B 84 16.28 8.61 -10.90
CA LEU B 84 15.58 8.70 -9.60
C LEU B 84 15.32 7.33 -8.97
N LEU B 85 15.89 7.14 -7.78
CA LEU B 85 15.72 5.94 -6.96
C LEU B 85 15.19 6.45 -5.61
N PHE B 86 14.02 5.96 -5.23
CA PHE B 86 13.36 6.36 -3.98
C PHE B 86 13.47 5.24 -2.94
N VAL B 87 13.75 5.61 -1.69
CA VAL B 87 13.84 4.62 -0.60
C VAL B 87 13.17 5.22 0.64
N PRO B 88 12.65 4.37 1.52
CA PRO B 88 12.19 4.89 2.81
C PRO B 88 13.41 5.31 3.65
N ALA B 89 13.30 6.36 4.46
CA ALA B 89 14.45 6.79 5.26
C ALA B 89 14.74 5.77 6.38
N ARG B 90 13.67 5.25 6.98
CA ARG B 90 13.84 4.30 8.06
C ARG B 90 12.82 3.19 7.93
N GLY B 91 12.96 2.20 8.81
N GLY B 91 12.71 2.40 8.98
CA GLY B 91 12.11 1.03 8.80
CA GLY B 91 11.40 2.32 9.65
C GLY B 91 10.81 1.35 9.48
C GLY B 91 10.35 1.25 9.74
N GLY B 92 10.14 0.30 9.94
N GLY B 92 9.18 1.62 9.24
CA GLY B 92 8.91 0.44 10.71
CA GLY B 92 7.88 1.20 9.75
C GLY B 92 9.06 1.42 11.84
C GLY B 92 7.44 2.29 10.73
N LEU B 93 8.21 2.45 11.81
CA LEU B 93 8.00 3.42 12.91
C LEU B 93 6.66 3.28 13.66
N GLY B 94 5.95 2.18 13.42
CA GLY B 94 4.70 1.93 14.13
C GLY B 94 3.50 2.60 13.49
N GLU B 95 3.67 3.17 12.29
CA GLU B 95 2.53 3.73 11.55
C GLU B 95 1.66 2.61 10.99
N ASP B 96 0.37 2.88 10.82
CA ASP B 96 -0.50 2.02 10.02
C ASP B 96 -0.03 2.03 8.58
N VAL B 97 -0.35 0.97 7.84
CA VAL B 97 0.27 0.77 6.52
C VAL B 97 0.11 1.97 5.56
N LYS B 98 -1.05 2.60 5.57
CA LYS B 98 -1.31 3.75 4.69
C LYS B 98 -0.27 4.87 4.89
N ASN B 99 0.16 5.06 6.13
CA ASN B 99 1.07 6.16 6.44
C ASN B 99 2.54 5.78 6.53
N GLN B 100 2.85 4.50 6.30
CA GLN B 100 4.23 4.02 6.36
C GLN B 100 5.10 4.56 5.25
N ALA B 101 6.38 4.79 5.55
CA ALA B 101 7.31 5.29 4.56
C ALA B 101 7.33 4.40 3.31
N ASN B 102 7.21 3.07 3.49
CA ASN B 102 7.25 2.18 2.32
C ASN B 102 6.12 2.51 1.34
N THR B 103 4.95 2.84 1.90
CA THR B 103 3.79 3.12 1.09
C THR B 103 3.98 4.41 0.29
N ILE B 104 4.40 5.47 0.97
CA ILE B 104 4.67 6.78 0.35
C ILE B 104 5.78 6.64 -0.71
N CYS B 105 6.81 5.88 -0.36
CA CYS B 105 7.96 5.66 -1.25
C CYS B 105 7.52 5.07 -2.59
N ALA B 106 6.75 3.99 -2.54
CA ALA B 106 6.28 3.33 -3.76
C ALA B 106 5.41 4.28 -4.58
N HIS B 107 4.52 5.01 -3.91
CA HIS B 107 3.61 5.90 -4.59
C HIS B 107 4.42 6.99 -5.30
N MET B 108 5.41 7.53 -4.59
CA MET B 108 6.21 8.64 -5.13
C MET B 108 6.98 8.19 -6.36
N ALA B 109 7.60 7.02 -6.26
CA ALA B 109 8.41 6.49 -7.35
C ALA B 109 7.54 6.20 -8.57
N GLU B 110 6.34 5.67 -8.34
CA GLU B 110 5.45 5.40 -9.44
C GLU B 110 5.08 6.70 -10.14
N LYS B 111 4.78 7.75 -9.37
CA LYS B 111 4.33 9.02 -9.99
C LYS B 111 5.49 9.72 -10.71
N ALA B 112 6.71 9.53 -10.21
CA ALA B 112 7.94 10.12 -10.79
C ALA B 112 8.49 9.32 -11.96
N SER B 113 7.90 8.15 -12.20
CA SER B 113 8.40 7.19 -13.19
CA SER B 113 8.40 7.18 -13.19
C SER B 113 9.86 6.87 -12.86
N GLY B 114 10.14 6.73 -11.56
CA GLY B 114 11.45 6.32 -11.07
C GLY B 114 11.38 4.88 -10.56
N THR B 115 12.43 4.49 -9.86
CA THR B 115 12.50 3.15 -9.26
C THR B 115 12.49 3.30 -7.75
N TYR B 116 12.24 2.19 -7.05
CA TYR B 116 12.20 2.23 -5.58
C TYR B 116 12.76 0.96 -5.00
N ARG B 117 13.20 1.04 -3.72
CA ARG B 117 13.60 -0.14 -2.97
C ARG B 117 13.04 0.00 -1.56
N LEU B 118 12.29 -1.02 -1.13
CA LEU B 118 11.61 -0.96 0.16
C LEU B 118 12.41 -1.66 1.25
N LEU B 119 12.09 -1.35 2.49
CA LEU B 119 12.83 -1.83 3.64
C LEU B 119 11.80 -2.52 4.50
N PHE B 120 11.87 -3.84 4.60
CA PHE B 120 10.96 -4.59 5.46
C PHE B 120 11.68 -5.15 6.69
N VAL B 121 11.83 -4.30 7.71
CA VAL B 121 12.47 -4.73 8.95
C VAL B 121 11.54 -4.25 10.07
N PRO B 122 10.55 -5.09 10.40
CA PRO B 122 9.51 -4.79 11.38
C PRO B 122 10.11 -4.41 12.73
N GLY B 123 9.44 -3.49 13.42
CA GLY B 123 9.88 -3.02 14.72
C GLY B 123 9.79 -4.04 15.85
N GLN B 124 8.91 -5.04 15.74
CA GLN B 124 8.67 -5.96 16.86
C GLN B 124 9.42 -7.30 16.76
N LEU B 125 10.46 -7.32 15.93
CA LEU B 125 11.34 -8.47 15.81
C LEU B 125 12.01 -8.78 17.15
N SER B 126 12.07 -10.07 17.49
CA SER B 126 12.87 -10.51 18.62
C SER B 126 14.34 -10.22 18.29
N GLN B 127 15.16 -10.13 19.34
CA GLN B 127 16.63 -10.04 19.19
C GLN B 127 17.23 -11.05 18.19
N GLY B 128 16.82 -12.31 18.31
CA GLY B 128 17.34 -13.36 17.42
C GLY B 128 16.80 -13.20 16.01
N ALA B 129 15.53 -12.89 15.90
CA ALA B 129 14.90 -12.65 14.58
C ALA B 129 15.58 -11.48 13.86
N TYR B 130 15.89 -10.44 14.62
CA TYR B 130 16.54 -9.24 14.09
C TYR B 130 17.94 -9.55 13.54
N SER B 131 18.73 -10.28 14.32
CA SER B 131 20.10 -10.64 13.90
C SER B 131 20.07 -11.34 12.54
N SER B 132 19.14 -12.27 12.38
CA SER B 132 18.98 -13.01 11.14
C SER B 132 18.67 -12.05 9.99
N ILE B 133 17.63 -11.25 10.15
CA ILE B 133 17.14 -10.42 9.03
C ILE B 133 18.12 -9.33 8.60
N ILE B 134 18.79 -8.70 9.56
CA ILE B 134 19.72 -7.60 9.27
C ILE B 134 20.91 -8.02 8.38
N GLU B 135 21.22 -9.31 8.36
CA GLU B 135 22.32 -9.84 7.54
C GLU B 135 21.87 -10.28 6.16
N GLU B 136 20.57 -10.26 5.90
CA GLU B 136 20.06 -10.62 4.58
C GLU B 136 20.60 -9.66 3.53
N PRO B 137 21.18 -10.20 2.44
CA PRO B 137 21.70 -9.34 1.37
C PRO B 137 20.70 -8.28 0.91
N SER B 138 19.42 -8.63 0.80
CA SER B 138 18.42 -7.68 0.33
C SER B 138 18.26 -6.51 1.30
N VAL B 139 18.37 -6.80 2.59
CA VAL B 139 18.24 -5.75 3.61
C VAL B 139 19.51 -4.89 3.65
N LYS B 140 20.67 -5.54 3.58
CA LYS B 140 21.95 -4.82 3.53
C LYS B 140 22.00 -3.88 2.33
N GLU B 141 21.48 -4.36 1.21
CA GLU B 141 21.42 -3.57 -0.03
C GLU B 141 20.64 -2.27 0.17
N VAL B 142 19.42 -2.36 0.70
CA VAL B 142 18.59 -1.17 0.95
C VAL B 142 19.21 -0.20 1.98
N LEU B 143 19.68 -0.75 3.09
CA LEU B 143 20.38 0.07 4.08
C LEU B 143 21.55 0.82 3.45
N ASN B 144 22.34 0.11 2.65
CA ASN B 144 23.43 0.79 1.95
C ASN B 144 22.95 1.93 1.03
N THR B 145 21.84 1.71 0.31
CA THR B 145 21.27 2.74 -0.55
C THR B 145 20.89 3.97 0.27
N ILE B 146 20.19 3.74 1.38
CA ILE B 146 19.77 4.82 2.29
C ILE B 146 20.98 5.60 2.77
N LYS B 147 22.08 4.90 3.05
CA LYS B 147 23.32 5.56 3.50
C LYS B 147 23.89 6.57 2.50
N SER B 148 23.55 6.39 1.22
CA SER B 148 23.99 7.31 0.20
C SER B 148 22.90 8.27 -0.32
N ALA B 149 21.86 8.49 0.49
CA ALA B 149 20.78 9.37 0.07
C ALA B 149 21.37 10.75 -0.31
N SER B 150 20.92 11.28 -1.46
CA SER B 150 21.30 12.61 -1.92
C SER B 150 20.25 13.64 -1.52
N MET B 151 19.07 13.15 -1.11
CA MET B 151 17.93 14.02 -0.77
C MET B 151 17.13 13.33 0.30
N LEU B 152 16.56 14.14 1.21
CA LEU B 152 15.61 13.61 2.20
C LEU B 152 14.38 14.48 2.14
N VAL B 153 13.20 13.86 2.06
CA VAL B 153 11.95 14.62 2.10
C VAL B 153 11.16 14.10 3.29
N HIS B 154 10.94 14.93 4.32
CA HIS B 154 10.32 14.41 5.54
C HIS B 154 9.21 15.31 6.07
N GLY B 155 8.30 14.72 6.85
CA GLY B 155 7.25 15.49 7.55
C GLY B 155 7.75 15.89 8.95
N ILE B 156 6.95 16.69 9.64
CA ILE B 156 7.18 17.06 11.03
C ILE B 156 5.81 16.97 11.69
N GLY B 157 5.74 16.40 12.90
CA GLY B 157 4.46 16.24 13.59
C GLY B 157 4.51 16.74 15.02
N GLU B 158 3.34 17.02 15.62
CA GLU B 158 3.30 17.32 17.05
C GLU B 158 3.61 16.02 17.78
N ALA B 159 4.37 16.09 18.87
CA ALA B 159 4.79 14.86 19.58
C ALA B 159 3.60 14.04 20.04
N LYS B 160 2.65 14.70 20.66
CA LYS B 160 1.54 13.97 21.26
C LYS B 160 0.69 13.29 20.16
N THR B 161 0.49 13.99 19.05
CA THR B 161 -0.33 13.47 17.96
C THR B 161 0.33 12.22 17.37
N MET B 162 1.63 12.31 17.17
CA MET B 162 2.37 11.21 16.59
C MET B 162 2.43 9.99 17.53
N ALA B 163 2.68 10.25 18.81
CA ALA B 163 2.71 9.18 19.80
C ALA B 163 1.40 8.40 19.79
N GLN B 164 0.27 9.12 19.62
CA GLN B 164 -1.06 8.49 19.65
C GLN B 164 -1.37 7.77 18.33
N ARG B 165 -0.92 8.33 17.21
CA ARG B 165 -1.19 7.74 15.89
C ARG B 165 -0.46 6.41 15.69
N ARG B 166 0.81 6.35 16.09
CA ARG B 166 1.57 5.11 16.05
C ARG B 166 1.14 4.25 17.24
N ASN B 167 1.38 2.96 17.20
CA ASN B 167 1.10 2.22 18.42
C ASN B 167 2.33 2.28 19.32
N THR B 168 2.29 3.25 20.24
CA THR B 168 3.40 3.53 21.11
C THR B 168 3.23 2.80 22.44
N PRO B 169 4.18 1.92 22.77
CA PRO B 169 4.19 1.22 24.06
C PRO B 169 4.09 2.17 25.24
N LEU B 170 3.34 1.75 26.26
CA LEU B 170 3.09 2.56 27.46
C LEU B 170 4.34 3.21 28.06
N GLU B 171 5.42 2.44 28.17
CA GLU B 171 6.68 2.93 28.72
CA GLU B 171 6.70 2.91 28.70
C GLU B 171 7.23 4.10 27.91
N ASP B 172 7.02 4.07 26.59
CA ASP B 172 7.53 5.12 25.72
C ASP B 172 6.66 6.36 25.80
N LEU B 173 5.34 6.18 25.86
CA LEU B 173 4.46 7.30 26.14
C LEU B 173 4.90 8.05 27.38
N LYS B 174 5.25 7.33 28.44
CA LYS B 174 5.63 7.94 29.71
C LYS B 174 6.88 8.78 29.52
N LYS B 175 7.85 8.21 28.80
CA LYS B 175 9.13 8.88 28.54
C LYS B 175 8.95 10.16 27.71
N ILE B 176 8.10 10.09 26.68
CA ILE B 176 7.76 11.23 25.82
C ILE B 176 7.10 12.35 26.63
N ASP B 177 6.16 11.98 27.50
CA ASP B 177 5.45 12.90 28.36
C ASP B 177 6.44 13.49 29.40
N ASP B 178 7.22 12.63 30.05
CA ASP B 178 8.09 13.05 31.16
C ASP B 178 9.20 14.03 30.71
N ASN B 179 9.62 13.90 29.45
CA ASN B 179 10.68 14.73 28.91
C ASN B 179 10.16 15.90 28.06
N ASP B 180 8.85 16.13 28.13
CA ASP B 180 8.21 17.27 27.47
C ASP B 180 8.57 17.39 26.00
N ALA B 181 8.38 16.30 25.27
CA ALA B 181 8.57 16.31 23.83
C ALA B 181 7.46 17.19 23.25
N VAL B 182 7.81 17.98 22.25
CA VAL B 182 6.80 18.81 21.59
C VAL B 182 6.72 18.59 20.08
N THR B 183 7.75 17.98 19.50
CA THR B 183 7.77 17.78 18.05
C THR B 183 8.37 16.42 17.72
N GLU B 184 8.12 15.96 16.48
CA GLU B 184 8.55 14.64 16.04
C GLU B 184 8.98 14.75 14.55
N ALA B 185 10.07 14.11 14.19
CA ALA B 185 10.46 13.99 12.80
C ALA B 185 11.21 12.67 12.64
N PHE B 186 10.86 11.91 11.60
CA PHE B 186 11.49 10.61 11.25
C PHE B 186 11.83 9.67 12.44
N GLY B 187 10.90 9.52 13.37
CA GLY B 187 11.05 8.59 14.51
C GLY B 187 11.90 9.13 15.66
N TYR B 188 12.09 10.44 15.70
CA TYR B 188 12.73 11.12 16.83
C TYR B 188 11.77 12.12 17.42
N TYR B 189 11.67 12.14 18.74
CA TYR B 189 10.86 13.10 19.49
C TYR B 189 11.81 14.11 20.12
N PHE B 190 11.49 15.41 19.97
CA PHE B 190 12.36 16.49 20.42
C PHE B 190 11.61 17.42 21.38
N ASN B 191 12.36 18.05 22.27
CA ASN B 191 11.79 19.02 23.19
C ASN B 191 11.72 20.41 22.57
N ALA B 192 11.32 21.41 23.34
CA ALA B 192 11.13 22.76 22.78
C ALA B 192 12.43 23.42 22.33
N ASP B 193 13.56 22.86 22.75
CA ASP B 193 14.87 23.40 22.38
C ASP B 193 15.49 22.56 21.25
N GLY B 194 14.70 21.65 20.70
CA GLY B 194 15.11 20.84 19.55
C GLY B 194 16.06 19.69 19.87
N GLU B 195 16.21 19.40 21.17
CA GLU B 195 17.04 18.28 21.64
C GLU B 195 16.23 16.97 21.61
N VAL B 196 16.88 15.88 21.25
CA VAL B 196 16.24 14.58 21.17
C VAL B 196 15.94 14.15 22.61
N VAL B 197 14.70 13.74 22.83
CA VAL B 197 14.33 13.23 24.15
C VAL B 197 13.77 11.82 24.08
N HIS B 198 13.44 11.36 22.86
CA HIS B 198 13.08 9.95 22.67
C HIS B 198 13.32 9.54 21.22
N LYS B 199 13.88 8.35 21.02
CA LYS B 199 14.12 7.86 19.66
C LYS B 199 13.40 6.53 19.45
N VAL B 200 12.63 6.44 18.37
CA VAL B 200 12.02 5.15 18.02
C VAL B 200 13.14 4.35 17.39
N HIS B 201 13.43 3.19 17.93
CA HIS B 201 14.54 2.39 17.39
C HIS B 201 14.09 1.81 16.06
N SER B 202 14.94 1.94 15.05
CA SER B 202 14.60 1.49 13.70
C SER B 202 15.81 1.60 12.81
N VAL B 203 16.00 0.62 11.94
CA VAL B 203 17.15 0.65 11.04
C VAL B 203 17.01 1.75 9.97
N GLY B 204 18.10 1.98 9.26
CA GLY B 204 18.14 2.97 8.22
C GLY B 204 18.71 4.26 8.76
N MET B 205 18.21 5.36 8.25
CA MET B 205 18.74 6.65 8.58
C MET B 205 18.65 6.99 10.06
N GLN B 206 19.74 7.49 10.60
CA GLN B 206 19.74 8.01 11.95
CA GLN B 206 19.75 7.99 11.96
C GLN B 206 19.91 9.52 11.92
N LEU B 207 19.61 10.20 13.02
CA LEU B 207 19.69 11.67 13.05
C LEU B 207 21.05 12.20 12.57
N ASP B 208 22.13 11.57 13.01
CA ASP B 208 23.47 12.05 12.64
C ASP B 208 23.75 11.97 11.13
N ASP B 209 23.03 11.06 10.49
CA ASP B 209 23.15 10.85 9.07
C ASP B 209 22.60 12.04 8.23
N ILE B 210 21.70 12.85 8.77
CA ILE B 210 21.14 13.91 7.92
C ILE B 210 22.18 14.95 7.52
N ASP B 211 23.23 15.10 8.34
CA ASP B 211 24.30 16.07 8.05
C ASP B 211 25.02 15.80 6.71
N ALA B 212 24.93 14.56 6.21
CA ALA B 212 25.63 14.14 4.99
C ALA B 212 24.73 14.18 3.76
N ILE B 213 23.49 14.62 3.97
CA ILE B 213 22.49 14.72 2.90
C ILE B 213 22.42 16.17 2.47
N PRO B 214 22.85 16.45 1.22
CA PRO B 214 22.98 17.84 0.79
C PRO B 214 21.66 18.59 0.65
N ASP B 215 20.57 17.89 0.32
CA ASP B 215 19.30 18.56 0.11
C ASP B 215 18.23 17.92 0.97
N ILE B 216 17.79 18.67 1.97
CA ILE B 216 16.75 18.18 2.88
C ILE B 216 15.55 19.13 2.77
N ILE B 217 14.38 18.55 2.51
CA ILE B 217 13.13 19.30 2.36
C ILE B 217 12.13 18.76 3.41
N ALA B 218 11.77 19.63 4.35
CA ALA B 218 10.71 19.32 5.33
C ALA B 218 9.39 19.86 4.80
N VAL B 219 8.33 19.08 4.94
CA VAL B 219 7.03 19.53 4.44
C VAL B 219 6.04 19.33 5.57
N ALA B 220 5.52 20.42 6.09
CA ALA B 220 4.66 20.35 7.30
C ALA B 220 3.94 21.69 7.46
N GLY B 221 2.64 21.64 7.72
CA GLY B 221 1.87 22.87 7.88
C GLY B 221 0.65 22.70 8.74
N GLY B 222 -0.15 23.76 8.78
CA GLY B 222 -1.34 23.81 9.59
C GLY B 222 -1.04 24.50 10.90
N SER B 223 -2.00 25.28 11.38
CA SER B 223 -1.81 26.03 12.62
CA SER B 223 -1.82 26.04 12.62
C SER B 223 -1.43 25.15 13.82
N SER B 224 -1.97 23.93 13.86
CA SER B 224 -1.71 23.01 14.98
C SER B 224 -0.23 22.60 15.08
N LYS B 225 0.54 22.77 13.99
CA LYS B 225 1.97 22.42 13.97
C LYS B 225 2.93 23.57 14.21
N ALA B 226 2.42 24.77 14.47
CA ALA B 226 3.29 25.96 14.62
C ALA B 226 4.41 25.74 15.66
N GLU B 227 4.03 25.28 16.86
CA GLU B 227 5.01 25.06 17.96
C GLU B 227 5.98 23.93 17.62
N ALA B 228 5.45 22.87 17.00
CA ALA B 228 6.27 21.70 16.60
C ALA B 228 7.32 22.08 15.57
N ILE B 229 6.92 22.91 14.61
CA ILE B 229 7.85 23.34 13.58
C ILE B 229 8.91 24.24 14.20
N GLU B 230 8.47 25.20 15.02
CA GLU B 230 9.43 26.08 15.72
C GLU B 230 10.47 25.28 16.53
N ALA B 231 10.00 24.27 17.27
CA ALA B 231 10.94 23.49 18.12
C ALA B 231 11.95 22.69 17.27
N TYR B 232 11.48 22.08 16.19
CA TYR B 232 12.34 21.25 15.37
C TYR B 232 13.51 22.11 14.86
N PHE B 233 13.20 23.33 14.40
CA PHE B 233 14.22 24.23 13.86
C PHE B 233 15.04 25.04 14.87
N LYS B 234 14.95 24.69 16.16
CA LYS B 234 15.77 25.36 17.19
C LYS B 234 17.25 25.00 17.05
N LYS B 235 17.50 23.91 16.31
CA LYS B 235 18.87 23.43 16.00
C LYS B 235 19.14 23.64 14.51
N PRO B 236 20.42 23.79 14.12
CA PRO B 236 20.73 23.84 12.69
C PRO B 236 20.34 22.52 12.01
N ARG B 237 19.55 22.59 10.95
CA ARG B 237 19.14 21.36 10.20
C ARG B 237 19.53 21.43 8.72
N ASN B 238 20.07 22.57 8.28
CA ASN B 238 20.40 22.80 6.85
CA ASN B 238 20.46 22.72 6.89
C ASN B 238 19.29 22.32 5.94
N THR B 239 18.09 22.81 6.23
CA THR B 239 16.88 22.29 5.62
C THR B 239 16.02 23.38 4.97
N VAL B 240 15.31 23.02 3.89
CA VAL B 240 14.31 23.87 3.25
C VAL B 240 12.97 23.50 3.86
N LEU B 241 12.18 24.47 4.30
CA LEU B 241 10.85 24.14 4.82
C LEU B 241 9.77 24.56 3.82
N VAL B 242 8.87 23.63 3.48
CA VAL B 242 7.62 23.94 2.74
C VAL B 242 6.49 23.88 3.75
N THR B 243 5.75 24.97 3.87
CA THR B 243 4.70 25.05 4.89
C THR B 243 3.51 25.86 4.37
N ASP B 244 2.57 26.21 5.25
CA ASP B 244 1.47 27.04 4.83
C ASP B 244 1.34 28.27 5.73
N GLU B 245 0.41 29.15 5.37
CA GLU B 245 0.21 30.35 6.15
C GLU B 245 -0.28 30.01 7.54
N GLY B 246 -1.06 28.93 7.63
CA GLY B 246 -1.64 28.54 8.92
C GLY B 246 -0.52 28.38 9.95
N ALA B 247 0.50 27.59 9.60
CA ALA B 247 1.63 27.36 10.51
C ALA B 247 2.51 28.60 10.63
N ALA B 248 2.84 29.20 9.49
CA ALA B 248 3.79 30.32 9.45
C ALA B 248 3.30 31.55 10.22
N LYS B 249 2.06 31.96 9.99
CA LYS B 249 1.55 33.15 10.66
C LYS B 249 1.46 32.94 12.17
N LYS B 250 1.02 31.75 12.58
CA LYS B 250 0.89 31.46 13.99
C LYS B 250 2.24 31.46 14.68
N LEU B 251 3.21 30.80 14.03
CA LEU B 251 4.58 30.78 14.53
C LEU B 251 5.10 32.21 14.69
N LEU B 252 4.85 33.05 13.70
CA LEU B 252 5.40 34.40 13.69
C LEU B 252 4.63 35.36 14.60
N ARG B 253 3.39 35.01 14.96
CA ARG B 253 2.61 35.73 15.97
C ARG B 253 3.07 35.26 17.34
#